data_6CPB
#
_entry.id   6CPB
#
_cell.length_a   64.665
_cell.length_b   65.820
_cell.length_c   72.885
_cell.angle_alpha   90.00
_cell.angle_beta   90.00
_cell.angle_gamma   90.00
#
_symmetry.space_group_name_H-M   'P 21 21 21'
#
loop_
_entity.id
_entity.type
_entity.pdbx_description
1 polymer 'Carbon monoxide oxidation system transcription regulator CooA-1'
2 non-polymer 'SULFATE ION'
3 non-polymer GLYCEROL
4 water water
#
_entity_poly.entity_id   1
_entity_poly.type   'polypeptide(L)'
_entity_poly.pdbx_seq_one_letter_code
;MRLTDTNLLEVLNSEEYSGVLKEFREQRYSKKAILYTPNTERNLVFLVKSGRVRVYLAYEDKEFTLAILEAGDIFCTHTR
AFIQAMEDTTILYTDIRNFQNIVVEFPAFSLNMVKVLGDLLKNSLTIINGLVFLEHHHHHH
;
_entity_poly.pdbx_strand_id   A,B
#
# COMPACT_ATOMS: atom_id res chain seq x y z
N THR A 4 10.80 6.75 -11.31
CA THR A 4 11.40 5.42 -11.16
C THR A 4 10.48 4.36 -11.75
N ASP A 5 11.04 3.49 -12.57
CA ASP A 5 10.34 2.32 -13.07
C ASP A 5 10.46 1.21 -12.02
N THR A 6 9.36 0.89 -11.30
CA THR A 6 9.39 -0.18 -10.30
C THR A 6 9.00 -1.52 -10.85
N ASN A 7 8.69 -1.61 -12.14
CA ASN A 7 8.28 -2.89 -12.71
C ASN A 7 9.38 -3.93 -12.52
N LEU A 8 8.97 -5.16 -12.20
CA LEU A 8 9.90 -6.22 -11.82
C LEU A 8 10.30 -7.16 -12.95
N LEU A 9 9.87 -6.92 -14.18
CA LEU A 9 10.34 -7.78 -15.27
C LEU A 9 11.85 -7.77 -15.39
N GLU A 10 12.49 -6.62 -15.22
CA GLU A 10 13.94 -6.58 -15.33
C GLU A 10 14.60 -7.46 -14.26
N VAL A 11 14.00 -7.51 -13.07
CA VAL A 11 14.47 -8.38 -11.99
C VAL A 11 14.23 -9.85 -12.34
N LEU A 12 13.03 -10.16 -12.84
CA LEU A 12 12.72 -11.54 -13.24
C LEU A 12 13.72 -12.04 -14.26
N ASN A 13 14.20 -11.16 -15.11
CA ASN A 13 15.10 -11.53 -16.20
C ASN A 13 16.57 -11.28 -15.88
N SER A 14 16.90 -11.09 -14.61
CA SER A 14 18.27 -10.84 -14.20
C SER A 14 18.87 -12.05 -13.51
N GLU A 15 20.05 -12.45 -13.98
CA GLU A 15 20.76 -13.58 -13.39
C GLU A 15 20.96 -13.40 -11.88
N GLU A 16 21.21 -12.17 -11.43
CA GLU A 16 21.48 -11.91 -10.02
C GLU A 16 20.34 -12.34 -9.12
N TYR A 17 19.10 -12.37 -9.64
CA TYR A 17 17.92 -12.76 -8.89
C TYR A 17 17.52 -14.21 -9.12
N SER A 18 18.25 -14.94 -9.95
CA SER A 18 17.80 -16.27 -10.36
C SER A 18 17.72 -17.24 -9.18
N GLY A 19 18.58 -17.06 -8.18
CA GLY A 19 18.53 -17.95 -7.02
C GLY A 19 17.35 -17.64 -6.11
N VAL A 20 17.13 -16.36 -5.82
CA VAL A 20 16.04 -16.04 -4.91
C VAL A 20 14.69 -16.34 -5.55
N LEU A 21 14.58 -16.20 -6.87
CA LEU A 21 13.32 -16.52 -7.53
C LEU A 21 13.00 -18.00 -7.47
N LYS A 22 14.02 -18.87 -7.33
CA LYS A 22 13.77 -20.29 -7.16
C LYS A 22 13.06 -20.60 -5.85
N GLU A 23 13.06 -19.67 -4.90
CA GLU A 23 12.34 -19.87 -3.65
C GLU A 23 10.83 -19.82 -3.85
N PHE A 24 10.37 -19.18 -4.92
CA PHE A 24 8.96 -19.04 -5.22
C PHE A 24 8.46 -20.29 -5.95
N ARG A 25 7.19 -20.61 -5.73
CA ARG A 25 6.49 -21.59 -6.54
C ARG A 25 5.83 -20.89 -7.72
N GLU A 26 5.53 -21.65 -8.76
CA GLU A 26 4.92 -21.14 -9.97
C GLU A 26 3.55 -21.75 -10.16
N GLN A 27 2.64 -20.99 -10.76
CA GLN A 27 1.32 -21.50 -11.08
C GLN A 27 0.81 -20.78 -12.32
N ARG A 28 0.09 -21.53 -13.16
CA ARG A 28 -0.48 -21.03 -14.40
C ARG A 28 -2.00 -20.94 -14.30
N TYR A 29 -2.55 -19.95 -15.00
CA TYR A 29 -3.98 -19.68 -15.01
C TYR A 29 -4.42 -19.34 -16.42
N SER A 30 -5.58 -19.83 -16.79
CA SER A 30 -6.17 -19.43 -18.06
C SER A 30 -7.01 -18.17 -17.90
N LYS A 31 -7.28 -17.54 -19.03
CA LYS A 31 -8.09 -16.33 -19.02
C LYS A 31 -9.39 -16.54 -18.26
N LYS A 32 -9.71 -15.59 -17.37
CA LYS A 32 -10.88 -15.53 -16.51
C LYS A 32 -10.78 -16.40 -15.26
N ALA A 33 -9.74 -17.20 -15.11
CA ALA A 33 -9.58 -17.98 -13.90
C ALA A 33 -9.42 -17.07 -12.69
N ILE A 34 -9.93 -17.52 -11.56
CA ILE A 34 -9.77 -16.82 -10.29
C ILE A 34 -8.51 -17.34 -9.61
N LEU A 35 -7.55 -16.44 -9.37
CA LEU A 35 -6.30 -16.80 -8.68
C LEU A 35 -6.52 -16.98 -7.18
N TYR A 36 -7.12 -15.99 -6.55
CA TYR A 36 -7.29 -15.97 -5.10
C TYR A 36 -8.54 -15.17 -4.77
N THR A 37 -9.03 -15.34 -3.56
CA THR A 37 -10.24 -14.66 -3.09
C THR A 37 -9.98 -14.07 -1.73
N PRO A 38 -10.91 -13.27 -1.20
CA PRO A 38 -10.73 -12.75 0.15
C PRO A 38 -10.60 -13.83 1.20
N ASN A 39 -11.13 -15.01 0.95
CA ASN A 39 -11.11 -16.10 1.91
C ASN A 39 -9.87 -16.97 1.82
N THR A 40 -8.99 -16.75 0.84
CA THR A 40 -7.77 -17.55 0.75
C THR A 40 -7.04 -17.52 2.09
N GLU A 41 -6.85 -18.69 2.68
N GLU A 41 -6.84 -18.70 2.67
CA GLU A 41 -6.30 -18.75 4.04
CA GLU A 41 -6.31 -18.78 4.03
C GLU A 41 -4.81 -18.45 4.05
C GLU A 41 -4.81 -18.51 4.09
N ARG A 42 -4.07 -18.99 3.10
CA ARG A 42 -2.62 -18.79 3.10
C ARG A 42 -2.30 -17.33 2.81
N ASN A 43 -1.40 -16.77 3.61
CA ASN A 43 -0.93 -15.40 3.46
C ASN A 43 0.29 -15.44 2.56
N LEU A 44 0.11 -15.01 1.32
CA LEU A 44 1.10 -15.19 0.27
C LEU A 44 1.32 -13.88 -0.47
N VAL A 45 2.51 -13.77 -1.05
CA VAL A 45 2.87 -12.70 -1.97
C VAL A 45 3.05 -13.33 -3.34
N PHE A 46 2.49 -12.73 -4.36
CA PHE A 46 2.62 -13.24 -5.71
C PHE A 46 3.02 -12.16 -6.69
N LEU A 47 3.84 -12.57 -7.66
CA LEU A 47 4.38 -11.72 -8.71
C LEU A 47 3.83 -12.22 -10.04
N VAL A 48 3.31 -11.31 -10.86
CA VAL A 48 2.87 -11.67 -12.21
C VAL A 48 4.10 -11.81 -13.10
N LYS A 49 4.43 -13.04 -13.47
CA LYS A 49 5.57 -13.28 -14.34
C LYS A 49 5.22 -13.01 -15.81
N SER A 50 4.03 -13.43 -16.22
CA SER A 50 3.53 -13.14 -17.57
C SER A 50 2.01 -13.08 -17.47
N GLY A 51 1.40 -12.31 -18.36
CA GLY A 51 -0.04 -12.15 -18.37
C GLY A 51 -0.48 -10.87 -17.67
N ARG A 52 -1.67 -10.90 -17.10
CA ARG A 52 -2.31 -9.68 -16.63
C ARG A 52 -3.44 -10.12 -15.72
N VAL A 53 -3.58 -9.48 -14.56
CA VAL A 53 -4.62 -9.85 -13.60
C VAL A 53 -5.40 -8.63 -13.15
N ARG A 54 -6.64 -8.88 -12.75
CA ARG A 54 -7.55 -7.86 -12.25
C ARG A 54 -7.78 -8.10 -10.77
N VAL A 55 -7.60 -7.05 -9.98
CA VAL A 55 -7.90 -7.06 -8.55
C VAL A 55 -9.25 -6.37 -8.39
N TYR A 56 -10.16 -7.00 -7.67
CA TYR A 56 -11.51 -6.44 -7.57
C TYR A 56 -12.18 -6.83 -6.26
N LEU A 57 -13.25 -6.10 -5.94
CA LEU A 57 -14.11 -6.39 -4.82
C LEU A 57 -15.47 -6.80 -5.35
N ALA A 58 -16.05 -7.85 -4.80
CA ALA A 58 -17.41 -8.26 -5.09
C ALA A 58 -18.10 -8.50 -3.76
N TYR A 59 -19.29 -7.95 -3.61
CA TYR A 59 -20.03 -8.05 -2.35
C TYR A 59 -21.49 -7.80 -2.68
N GLU A 60 -22.37 -8.65 -2.18
CA GLU A 60 -23.80 -8.55 -2.49
C GLU A 60 -23.93 -8.46 -4.02
N ASP A 61 -24.66 -7.50 -4.57
CA ASP A 61 -24.85 -7.39 -6.01
C ASP A 61 -23.92 -6.37 -6.66
N LYS A 62 -22.81 -6.03 -6.03
CA LYS A 62 -21.88 -5.04 -6.54
C LYS A 62 -20.51 -5.66 -6.82
N GLU A 63 -19.82 -5.06 -7.79
CA GLU A 63 -18.45 -5.45 -8.12
C GLU A 63 -17.71 -4.23 -8.61
N PHE A 64 -16.51 -4.00 -8.07
CA PHE A 64 -15.68 -2.87 -8.45
C PHE A 64 -14.28 -3.36 -8.76
N THR A 65 -13.78 -3.07 -9.95
CA THR A 65 -12.38 -3.28 -10.24
C THR A 65 -11.55 -2.27 -9.46
N LEU A 66 -10.52 -2.76 -8.79
CA LEU A 66 -9.62 -1.94 -7.98
C LEU A 66 -8.33 -1.60 -8.69
N ALA A 67 -7.79 -2.51 -9.50
CA ALA A 67 -6.60 -2.23 -10.29
C ALA A 67 -6.42 -3.38 -11.26
N ILE A 68 -5.68 -3.10 -12.33
CA ILE A 68 -5.21 -4.09 -13.28
C ILE A 68 -3.70 -4.15 -13.13
N LEU A 69 -3.18 -5.35 -12.82
CA LEU A 69 -1.76 -5.57 -12.60
C LEU A 69 -1.16 -6.24 -13.83
N GLU A 70 -0.04 -5.69 -14.28
CA GLU A 70 0.65 -6.16 -15.46
C GLU A 70 1.78 -7.11 -15.07
N ALA A 71 2.35 -7.75 -16.08
CA ALA A 71 3.54 -8.55 -15.84
C ALA A 71 4.62 -7.68 -15.22
N GLY A 72 5.20 -8.17 -14.12
CA GLY A 72 6.16 -7.41 -13.34
C GLY A 72 5.58 -6.69 -12.16
N ASP A 73 4.29 -6.83 -11.90
CA ASP A 73 3.66 -6.29 -10.70
C ASP A 73 3.45 -7.39 -9.66
N ILE A 74 3.48 -6.97 -8.39
CA ILE A 74 3.39 -7.86 -7.24
C ILE A 74 2.23 -7.45 -6.34
N PHE A 75 1.63 -8.43 -5.68
CA PHE A 75 0.50 -8.20 -4.78
C PHE A 75 0.47 -9.35 -3.77
N CYS A 76 -0.63 -9.51 -3.02
CA CYS A 76 -0.65 -10.46 -1.93
CA CYS A 76 -0.65 -10.40 -1.87
C CYS A 76 -2.08 -10.81 -1.59
N THR A 77 -2.23 -11.93 -0.89
CA THR A 77 -3.51 -12.30 -0.33
C THR A 77 -3.67 -11.62 1.03
N HIS A 78 -4.71 -11.99 1.77
CA HIS A 78 -5.01 -11.36 3.07
C HIS A 78 -5.26 -9.87 2.92
N THR A 79 -5.79 -9.46 1.77
N THR A 79 -5.79 -9.48 1.76
CA THR A 79 -6.09 -8.06 1.50
CA THR A 79 -6.06 -8.10 1.40
C THR A 79 -7.54 -7.87 1.06
C THR A 79 -7.55 -7.83 1.16
N ARG A 80 -8.41 -8.82 1.40
CA ARG A 80 -9.86 -8.68 1.24
C ARG A 80 -10.27 -8.52 -0.23
N ALA A 81 -9.47 -9.02 -1.17
CA ALA A 81 -9.69 -8.80 -2.59
C ALA A 81 -9.76 -10.11 -3.35
N PHE A 82 -10.46 -10.06 -4.48
CA PHE A 82 -10.44 -11.11 -5.49
C PHE A 82 -9.41 -10.75 -6.54
N ILE A 83 -8.82 -11.78 -7.15
CA ILE A 83 -7.84 -11.61 -8.21
C ILE A 83 -8.18 -12.59 -9.33
N GLN A 84 -8.33 -12.07 -10.55
CA GLN A 84 -8.73 -12.84 -11.72
C GLN A 84 -7.77 -12.63 -12.88
N ALA A 85 -7.48 -13.71 -13.61
CA ALA A 85 -6.63 -13.59 -14.80
C ALA A 85 -7.41 -12.95 -15.94
N MET A 86 -6.81 -11.97 -16.60
CA MET A 86 -7.42 -11.30 -17.75
C MET A 86 -6.95 -11.90 -19.07
N GLU A 87 -5.92 -12.73 -19.01
CA GLU A 87 -5.39 -13.50 -20.13
C GLU A 87 -4.62 -14.64 -19.48
N ASP A 88 -4.11 -15.56 -20.29
CA ASP A 88 -3.28 -16.61 -19.74
C ASP A 88 -2.13 -15.98 -18.95
N THR A 89 -1.93 -16.45 -17.71
CA THR A 89 -1.05 -15.80 -16.76
C THR A 89 -0.22 -16.84 -16.01
N THR A 90 1.04 -16.51 -15.75
CA THR A 90 1.88 -17.27 -14.83
C THR A 90 2.28 -16.37 -13.68
N ILE A 91 2.19 -16.89 -12.47
CA ILE A 91 2.65 -16.18 -11.28
C ILE A 91 3.75 -16.97 -10.58
N LEU A 92 4.54 -16.24 -9.81
CA LEU A 92 5.45 -16.78 -8.81
C LEU A 92 4.91 -16.37 -7.45
N TYR A 93 4.87 -17.29 -6.49
CA TYR A 93 4.36 -16.94 -5.16
C TYR A 93 5.19 -17.56 -4.04
N THR A 94 5.14 -16.90 -2.89
CA THR A 94 5.80 -17.41 -1.69
C THR A 94 5.03 -16.91 -0.47
N ASP A 95 5.28 -17.53 0.68
N ASP A 95 5.25 -17.55 0.67
CA ASP A 95 4.62 -17.13 1.90
CA ASP A 95 4.56 -17.11 1.88
C ASP A 95 5.11 -15.76 2.37
C ASP A 95 5.11 -15.78 2.37
N ILE A 96 4.25 -15.08 3.15
N ILE A 96 4.26 -15.02 3.07
CA ILE A 96 4.51 -13.69 3.53
CA ILE A 96 4.60 -13.64 3.44
C ILE A 96 5.80 -13.56 4.34
C ILE A 96 5.87 -13.58 4.29
N ARG A 97 6.05 -14.50 5.26
CA ARG A 97 7.26 -14.44 6.06
C ARG A 97 8.50 -14.58 5.20
N ASN A 98 8.49 -15.51 4.27
CA ASN A 98 9.65 -15.68 3.39
C ASN A 98 9.85 -14.43 2.55
N PHE A 99 8.76 -13.84 2.05
CA PHE A 99 8.88 -12.62 1.28
C PHE A 99 9.53 -11.50 2.09
N GLN A 100 9.11 -11.33 3.33
CA GLN A 100 9.71 -10.29 4.16
C GLN A 100 11.21 -10.52 4.36
N ASN A 101 11.61 -11.77 4.51
CA ASN A 101 13.04 -12.06 4.59
C ASN A 101 13.75 -11.76 3.27
N ILE A 102 13.14 -12.10 2.14
CA ILE A 102 13.69 -11.77 0.84
C ILE A 102 13.91 -10.26 0.70
N VAL A 103 12.94 -9.45 1.14
CA VAL A 103 13.01 -8.01 0.97
C VAL A 103 14.22 -7.42 1.68
N VAL A 104 14.62 -7.99 2.83
CA VAL A 104 15.77 -7.46 3.55
C VAL A 104 17.00 -7.48 2.67
N GLU A 105 17.13 -8.54 1.85
N GLU A 105 17.15 -8.54 1.87
CA GLU A 105 18.27 -8.72 0.96
CA GLU A 105 18.28 -8.69 0.96
C GLU A 105 18.04 -8.19 -0.45
C GLU A 105 18.02 -8.02 -0.39
N PHE A 106 16.78 -8.09 -0.86
CA PHE A 106 16.40 -7.69 -2.22
C PHE A 106 15.20 -6.77 -2.15
N PRO A 107 15.40 -5.52 -1.74
CA PRO A 107 14.25 -4.62 -1.52
C PRO A 107 13.52 -4.17 -2.78
N ALA A 108 14.05 -4.42 -3.98
CA ALA A 108 13.33 -4.03 -5.19
C ALA A 108 11.89 -4.56 -5.20
N PHE A 109 11.69 -5.79 -4.73
CA PHE A 109 10.34 -6.36 -4.73
C PHE A 109 9.38 -5.49 -3.95
N SER A 110 9.86 -4.89 -2.87
CA SER A 110 8.99 -4.10 -2.02
C SER A 110 8.63 -2.77 -2.64
N LEU A 111 9.48 -2.22 -3.52
CA LEU A 111 9.16 -0.94 -4.12
C LEU A 111 8.00 -1.06 -5.10
N ASN A 112 7.95 -2.15 -5.84
CA ASN A 112 6.79 -2.37 -6.67
C ASN A 112 5.56 -2.60 -5.81
N MET A 113 5.70 -3.31 -4.70
N MET A 113 5.70 -3.34 -4.71
CA MET A 113 4.57 -3.57 -3.83
CA MET A 113 4.57 -3.57 -3.83
C MET A 113 4.00 -2.27 -3.28
C MET A 113 3.99 -2.25 -3.33
N VAL A 114 4.86 -1.34 -2.90
CA VAL A 114 4.41 -0.02 -2.44
C VAL A 114 3.61 0.68 -3.53
N LYS A 115 4.11 0.65 -4.76
CA LYS A 115 3.44 1.29 -5.88
C LYS A 115 2.05 0.70 -6.10
N VAL A 116 1.97 -0.64 -6.12
CA VAL A 116 0.70 -1.34 -6.34
C VAL A 116 -0.29 -1.05 -5.22
N LEU A 117 0.15 -1.17 -3.97
CA LEU A 117 -0.75 -0.92 -2.84
C LEU A 117 -1.21 0.51 -2.82
N GLY A 118 -0.32 1.46 -3.14
CA GLY A 118 -0.72 2.85 -3.20
C GLY A 118 -1.79 3.11 -4.24
N ASP A 119 -1.65 2.48 -5.41
CA ASP A 119 -2.66 2.62 -6.46
C ASP A 119 -3.98 1.98 -6.05
N LEU A 120 -3.93 0.79 -5.44
CA LEU A 120 -5.14 0.14 -4.98
C LEU A 120 -5.86 0.99 -3.95
N LEU A 121 -5.11 1.57 -3.01
CA LEU A 121 -5.72 2.40 -1.98
C LEU A 121 -6.31 3.66 -2.59
N LYS A 122 -5.57 4.33 -3.46
CA LYS A 122 -6.10 5.49 -4.17
C LYS A 122 -7.42 5.15 -4.86
N ASN A 123 -7.47 4.02 -5.54
CA ASN A 123 -8.65 3.65 -6.30
C ASN A 123 -9.81 3.26 -5.39
N SER A 124 -9.51 2.65 -4.24
N SER A 124 -9.51 2.64 -4.24
N SER A 124 -9.51 2.61 -4.25
CA SER A 124 -10.58 2.30 -3.29
CA SER A 124 -10.56 2.31 -3.29
CA SER A 124 -10.54 2.31 -3.27
C SER A 124 -11.19 3.55 -2.65
C SER A 124 -11.19 3.57 -2.69
C SER A 124 -11.19 3.58 -2.75
N LEU A 125 -10.38 4.57 -2.39
CA LEU A 125 -10.93 5.81 -1.86
C LEU A 125 -11.78 6.53 -2.91
N THR A 126 -11.40 6.41 -4.18
CA THR A 126 -12.23 6.93 -5.25
C THR A 126 -13.60 6.24 -5.28
N ILE A 127 -13.64 4.93 -5.08
CA ILE A 127 -14.91 4.22 -5.02
C ILE A 127 -15.76 4.73 -3.85
N ILE A 128 -15.16 4.88 -2.67
CA ILE A 128 -15.89 5.40 -1.52
C ILE A 128 -16.48 6.77 -1.84
N ASN A 129 -15.65 7.64 -2.40
CA ASN A 129 -16.08 9.00 -2.72
C ASN A 129 -17.26 8.98 -3.68
N GLY A 130 -17.26 8.07 -4.65
CA GLY A 130 -18.37 7.96 -5.58
C GLY A 130 -19.63 7.41 -4.95
N LEU A 131 -19.50 6.37 -4.12
CA LEU A 131 -20.67 5.81 -3.46
C LEU A 131 -21.34 6.83 -2.55
N VAL A 132 -20.55 7.64 -1.84
CA VAL A 132 -21.14 8.64 -0.96
C VAL A 132 -21.99 9.61 -1.77
N PHE A 133 -21.46 10.07 -2.90
CA PHE A 133 -22.24 10.98 -3.73
C PHE A 133 -23.51 10.31 -4.26
N LEU A 134 -23.38 9.10 -4.78
CA LEU A 134 -24.50 8.44 -5.43
C LEU A 134 -25.58 8.05 -4.44
N GLU A 135 -25.24 7.89 -3.17
CA GLU A 135 -26.20 7.51 -2.15
C GLU A 135 -26.78 8.70 -1.41
N HIS A 136 -26.28 9.92 -1.66
CA HIS A 136 -26.67 11.04 -0.83
C HIS A 136 -28.10 11.46 -1.11
N HIS A 137 -28.75 11.99 -0.09
CA HIS A 137 -30.11 12.49 -0.18
C HIS A 137 -30.25 13.66 0.77
N HIS A 138 -31.22 14.53 0.46
CA HIS A 138 -31.44 15.73 1.27
C HIS A 138 -31.93 15.34 2.67
N THR B 4 16.33 -7.18 11.35
CA THR B 4 16.21 -5.83 10.81
C THR B 4 15.53 -4.92 11.83
N ASP B 5 16.11 -3.74 12.05
CA ASP B 5 15.55 -2.75 12.96
C ASP B 5 14.44 -1.99 12.25
N THR B 6 13.20 -2.15 12.71
CA THR B 6 12.04 -1.51 12.12
C THR B 6 11.54 -0.30 12.91
N ASN B 7 12.26 0.10 13.95
CA ASN B 7 12.04 1.37 14.63
C ASN B 7 12.71 2.43 13.78
N LEU B 8 11.94 3.03 12.87
CA LEU B 8 12.54 3.89 11.85
C LEU B 8 13.18 5.14 12.45
N LEU B 9 12.57 5.70 13.50
CA LEU B 9 13.16 6.89 14.11
C LEU B 9 14.49 6.57 14.77
N GLU B 10 14.61 5.38 15.35
CA GLU B 10 15.88 4.94 15.91
C GLU B 10 16.94 4.74 14.83
N VAL B 11 16.55 4.16 13.69
CA VAL B 11 17.48 4.01 12.59
C VAL B 11 18.00 5.37 12.14
N LEU B 12 17.09 6.33 11.96
CA LEU B 12 17.48 7.67 11.54
C LEU B 12 18.45 8.29 12.53
N ASN B 13 18.14 8.17 13.83
CA ASN B 13 19.04 8.72 14.84
C ASN B 13 20.40 8.03 14.81
N SER B 14 20.41 6.70 14.74
N SER B 14 20.42 6.70 14.73
N SER B 14 20.41 6.71 14.76
CA SER B 14 21.68 5.97 14.75
CA SER B 14 21.69 5.97 14.76
CA SER B 14 21.67 5.96 14.74
C SER B 14 22.54 6.33 13.55
C SER B 14 22.55 6.30 13.54
C SER B 14 22.54 6.37 13.57
N GLU B 15 21.92 6.58 12.40
CA GLU B 15 22.62 6.99 11.19
C GLU B 15 22.88 8.48 11.14
N GLU B 16 22.44 9.24 12.14
CA GLU B 16 22.55 10.70 12.13
C GLU B 16 22.01 11.30 10.83
N TYR B 17 20.89 10.74 10.34
CA TYR B 17 20.20 11.29 9.17
C TYR B 17 21.16 11.47 7.99
N SER B 18 22.09 10.53 7.84
CA SER B 18 23.20 10.69 6.90
C SER B 18 22.93 9.98 5.58
N GLY B 19 23.73 10.32 4.58
CA GLY B 19 23.65 9.61 3.32
C GLY B 19 22.30 9.79 2.68
N VAL B 20 21.70 8.68 2.22
CA VAL B 20 20.40 8.78 1.57
C VAL B 20 19.34 9.32 2.52
N LEU B 21 19.54 9.18 3.82
CA LEU B 21 18.58 9.63 4.81
C LEU B 21 18.57 11.13 4.98
N LYS B 22 19.55 11.84 4.41
CA LYS B 22 19.56 13.29 4.53
C LYS B 22 18.40 13.94 3.77
N GLU B 23 17.77 13.21 2.84
CA GLU B 23 16.71 13.78 2.02
C GLU B 23 15.41 13.96 2.78
N PHE B 24 15.28 13.42 3.99
CA PHE B 24 14.13 13.76 4.81
C PHE B 24 14.24 15.20 5.29
N ARG B 25 13.14 15.92 5.19
CA ARG B 25 13.02 17.26 5.75
C ARG B 25 11.99 17.23 6.88
N GLU B 26 12.19 18.07 7.88
CA GLU B 26 11.30 18.12 9.03
C GLU B 26 10.33 19.29 8.91
N GLN B 27 9.08 19.07 9.32
CA GLN B 27 8.10 20.15 9.37
C GLN B 27 7.19 19.93 10.56
N ARG B 28 6.85 21.02 11.23
CA ARG B 28 5.99 21.00 12.41
C ARG B 28 4.62 21.56 12.07
N TYR B 29 3.59 20.94 12.65
CA TYR B 29 2.21 21.31 12.42
C TYR B 29 1.52 21.47 13.77
N SER B 30 0.73 22.53 13.90
CA SER B 30 -0.06 22.73 15.10
C SER B 30 -1.33 21.88 15.03
N LYS B 31 -1.93 21.70 16.19
CA LYS B 31 -3.20 21.00 16.27
C LYS B 31 -4.20 21.57 15.27
N LYS B 32 -4.88 20.69 14.56
CA LYS B 32 -5.91 20.98 13.57
C LYS B 32 -5.35 21.44 12.23
N ALA B 33 -4.04 21.63 12.11
CA ALA B 33 -3.48 22.02 10.81
C ALA B 33 -3.62 20.88 9.82
N ILE B 34 -4.02 21.22 8.60
CA ILE B 34 -4.11 20.26 7.52
C ILE B 34 -2.73 20.11 6.90
N LEU B 35 -2.23 18.87 6.84
CA LEU B 35 -0.95 18.60 6.21
C LEU B 35 -1.13 18.45 4.71
N TYR B 36 -2.03 17.57 4.29
CA TYR B 36 -2.12 17.12 2.92
C TYR B 36 -3.58 16.92 2.54
N THR B 37 -3.88 17.18 1.26
CA THR B 37 -5.20 17.06 0.68
C THR B 37 -5.05 16.65 -0.78
N PRO B 38 -6.15 16.43 -1.51
CA PRO B 38 -6.02 16.16 -2.94
C PRO B 38 -5.28 17.23 -3.71
N ASN B 39 -5.23 18.46 -3.20
CA ASN B 39 -4.54 19.54 -3.90
C ASN B 39 -3.04 19.55 -3.62
N THR B 40 -2.53 18.64 -2.78
CA THR B 40 -1.08 18.51 -2.58
C THR B 40 -0.43 18.07 -3.89
N GLU B 41 0.62 18.78 -4.29
CA GLU B 41 1.23 18.59 -5.60
C GLU B 41 1.95 17.24 -5.72
N ARG B 42 3.04 17.07 -4.97
CA ARG B 42 3.94 15.94 -5.16
C ARG B 42 3.39 14.68 -4.49
N ASN B 43 3.85 13.52 -4.99
CA ASN B 43 3.73 12.28 -4.23
C ASN B 43 4.87 12.30 -3.22
N LEU B 44 4.51 12.58 -1.99
CA LEU B 44 5.44 12.64 -0.88
C LEU B 44 5.19 11.44 0.02
N VAL B 45 6.27 11.03 0.67
CA VAL B 45 6.24 10.06 1.75
C VAL B 45 6.56 10.81 3.02
N PHE B 46 5.86 10.49 4.09
CA PHE B 46 6.12 11.15 5.35
C PHE B 46 6.11 10.13 6.48
N LEU B 47 6.92 10.44 7.48
CA LEU B 47 7.07 9.64 8.68
C LEU B 47 6.72 10.54 9.86
N VAL B 48 5.79 10.09 10.70
CA VAL B 48 5.44 10.87 11.87
C VAL B 48 6.58 10.73 12.89
N LYS B 49 7.16 11.86 13.29
CA LYS B 49 8.23 11.85 14.29
C LYS B 49 7.66 12.00 15.69
N SER B 50 6.65 12.83 15.88
CA SER B 50 5.97 13.00 17.14
C SER B 50 4.57 13.53 16.86
N GLY B 51 3.67 13.31 17.81
CA GLY B 51 2.29 13.72 17.62
C GLY B 51 1.46 12.68 16.90
N ARG B 52 0.45 13.13 16.16
CA ARG B 52 -0.57 12.21 15.68
C ARG B 52 -1.39 12.93 14.62
N VAL B 53 -1.68 12.22 13.52
CA VAL B 53 -2.53 12.74 12.45
C VAL B 53 -3.67 11.76 12.19
N ARG B 54 -4.77 12.30 11.69
CA ARG B 54 -5.83 11.47 11.12
C ARG B 54 -5.78 11.54 9.60
N VAL B 55 -6.11 10.41 8.99
CA VAL B 55 -6.25 10.26 7.55
C VAL B 55 -7.73 9.98 7.34
N TYR B 56 -8.43 10.81 6.55
CA TYR B 56 -9.90 10.78 6.61
C TYR B 56 -10.53 11.33 5.33
N LEU B 57 -11.82 11.04 5.20
CA LEU B 57 -12.70 11.61 4.17
C LEU B 57 -13.93 12.12 4.91
N ALA B 58 -14.18 13.42 4.83
CA ALA B 58 -15.29 14.03 5.56
C ALA B 58 -16.27 14.69 4.60
N TYR B 59 -17.54 14.35 4.74
CA TYR B 59 -18.62 14.86 3.91
C TYR B 59 -19.69 15.48 4.80
N GLU B 60 -20.61 16.23 4.17
CA GLU B 60 -21.67 16.86 4.94
C GLU B 60 -22.43 15.82 5.76
N ASP B 61 -22.63 14.65 5.18
CA ASP B 61 -23.55 13.64 5.68
C ASP B 61 -22.86 12.42 6.27
N LYS B 62 -21.53 12.36 6.27
CA LYS B 62 -20.84 11.13 6.64
C LYS B 62 -19.36 11.40 6.74
N GLU B 63 -18.67 10.71 7.65
CA GLU B 63 -17.23 10.80 7.79
C GLU B 63 -16.64 9.39 7.87
N PHE B 64 -15.42 9.26 7.35
CA PHE B 64 -14.65 8.02 7.41
C PHE B 64 -13.26 8.33 7.91
N THR B 65 -12.84 7.68 8.97
CA THR B 65 -11.46 7.78 9.45
C THR B 65 -10.73 6.53 8.98
N LEU B 66 -9.80 6.73 8.06
CA LEU B 66 -9.07 5.61 7.47
C LEU B 66 -7.93 5.14 8.38
N ALA B 67 -7.30 6.05 9.12
CA ALA B 67 -6.21 5.70 10.02
C ALA B 67 -5.93 6.84 10.96
N ILE B 68 -5.37 6.51 12.11
CA ILE B 68 -4.67 7.43 13.00
C ILE B 68 -3.20 7.01 12.97
N LEU B 69 -2.33 7.93 12.57
CA LEU B 69 -0.91 7.67 12.47
C LEU B 69 -0.19 8.42 13.57
N GLU B 70 0.72 7.72 14.25
CA GLU B 70 1.46 8.28 15.38
C GLU B 70 2.96 8.06 15.17
N ALA B 71 3.77 8.38 16.17
CA ALA B 71 5.22 8.33 15.98
C ALA B 71 5.66 6.99 15.43
N GLY B 72 6.47 7.03 14.38
CA GLY B 72 7.03 5.84 13.77
C GLY B 72 6.26 5.34 12.58
N ASP B 73 5.04 5.86 12.34
CA ASP B 73 4.22 5.43 11.22
C ASP B 73 4.58 6.21 9.96
N ILE B 74 4.67 5.49 8.85
CA ILE B 74 4.98 6.09 7.56
C ILE B 74 3.76 5.95 6.65
N PHE B 75 3.56 6.97 5.80
CA PHE B 75 2.46 6.96 4.86
C PHE B 75 2.84 7.90 3.71
N CYS B 76 1.87 8.22 2.85
CA CYS B 76 2.17 8.99 1.65
C CYS B 76 0.93 9.76 1.24
N THR B 77 1.12 10.66 0.28
CA THR B 77 0.10 11.62 -0.09
C THR B 77 -0.61 11.29 -1.40
N HIS B 78 -0.41 10.08 -1.92
CA HIS B 78 -0.89 9.62 -3.23
C HIS B 78 -2.41 9.54 -3.36
N THR B 79 -3.21 9.72 -2.32
CA THR B 79 -4.66 9.49 -2.39
C THR B 79 -5.44 10.79 -2.19
N ARG B 80 -6.77 10.67 -2.28
CA ARG B 80 -7.64 11.82 -2.05
C ARG B 80 -7.94 12.06 -0.57
N ALA B 81 -7.34 11.30 0.35
CA ALA B 81 -7.57 11.52 1.76
C ALA B 81 -7.02 12.87 2.21
N PHE B 82 -7.72 13.47 3.16
CA PHE B 82 -7.17 14.56 3.95
C PHE B 82 -6.34 13.99 5.08
N ILE B 83 -5.30 14.72 5.45
CA ILE B 83 -4.41 14.33 6.55
C ILE B 83 -4.22 15.55 7.43
N GLN B 84 -4.58 15.43 8.71
CA GLN B 84 -4.66 16.57 9.61
C GLN B 84 -4.08 16.23 10.97
N ALA B 85 -3.37 17.18 11.55
CA ALA B 85 -2.79 17.01 12.89
C ALA B 85 -3.88 17.04 13.97
N MET B 86 -3.79 16.07 14.89
N MET B 86 -3.77 16.11 14.90
CA MET B 86 -4.68 16.00 16.04
CA MET B 86 -4.69 16.05 16.02
C MET B 86 -4.15 16.78 17.24
C MET B 86 -4.11 16.64 17.28
N GLU B 87 -2.88 17.14 17.20
CA GLU B 87 -2.13 17.70 18.30
C GLU B 87 -0.85 18.20 17.66
N ASP B 88 0.00 18.87 18.44
CA ASP B 88 1.27 19.31 17.89
C ASP B 88 2.05 18.12 17.34
N THR B 89 2.45 18.23 16.07
CA THR B 89 2.99 17.09 15.34
C THR B 89 4.22 17.52 14.55
N THR B 90 5.22 16.65 14.50
N THR B 90 5.26 16.70 14.57
CA THR B 90 6.38 16.86 13.66
CA THR B 90 6.38 16.85 13.65
C THR B 90 6.47 15.68 12.70
C THR B 90 6.41 15.68 12.70
N ILE B 91 6.70 15.97 11.43
CA ILE B 91 6.86 14.93 10.42
C ILE B 91 8.20 15.08 9.74
N LEU B 92 8.63 13.98 9.14
CA LEU B 92 9.78 13.94 8.25
C LEU B 92 9.24 13.53 6.89
N TYR B 93 9.55 14.31 5.86
CA TYR B 93 8.97 14.00 4.55
C TYR B 93 10.03 14.08 3.47
N THR B 94 9.75 13.39 2.38
CA THR B 94 10.60 13.41 1.20
C THR B 94 9.79 12.94 0.01
N ASP B 95 10.26 13.25 -1.19
CA ASP B 95 9.50 12.83 -2.34
C ASP B 95 9.68 11.33 -2.60
N ILE B 96 8.78 10.77 -3.41
CA ILE B 96 8.75 9.32 -3.59
C ILE B 96 10.08 8.81 -4.14
N ARG B 97 10.70 9.55 -5.06
CA ARG B 97 11.98 9.11 -5.60
C ARG B 97 13.04 9.00 -4.50
N ASN B 98 13.11 10.00 -3.62
CA ASN B 98 14.08 9.91 -2.54
C ASN B 98 13.76 8.80 -1.56
N PHE B 99 12.48 8.52 -1.32
CA PHE B 99 12.09 7.39 -0.51
C PHE B 99 12.57 6.09 -1.14
N GLN B 100 12.40 5.95 -2.45
CA GLN B 100 12.87 4.75 -3.14
C GLN B 100 14.38 4.60 -3.00
N ASN B 101 15.11 5.71 -3.10
CA ASN B 101 16.56 5.68 -2.90
C ASN B 101 16.92 5.24 -1.49
N ILE B 102 16.11 5.58 -0.49
CA ILE B 102 16.33 5.15 0.89
C ILE B 102 16.06 3.66 1.05
N VAL B 103 14.96 3.19 0.47
CA VAL B 103 14.50 1.81 0.67
C VAL B 103 15.54 0.80 0.22
N VAL B 104 16.21 1.07 -0.91
CA VAL B 104 17.11 0.06 -1.41
C VAL B 104 18.29 -0.10 -0.47
N GLU B 105 18.54 0.88 0.41
CA GLU B 105 19.55 0.80 1.45
C GLU B 105 19.02 0.40 2.82
N PHE B 106 17.78 0.76 3.12
CA PHE B 106 17.15 0.53 4.43
C PHE B 106 15.75 -0.05 4.19
N PRO B 107 15.66 -1.34 3.89
CA PRO B 107 14.37 -1.95 3.54
C PRO B 107 13.31 -1.84 4.64
N ALA B 108 13.69 -1.61 5.90
CA ALA B 108 12.67 -1.45 6.93
C ALA B 108 11.69 -0.35 6.57
N PHE B 109 12.13 0.67 5.85
CA PHE B 109 11.21 1.74 5.47
C PHE B 109 10.09 1.24 4.57
N SER B 110 10.39 0.35 3.63
CA SER B 110 9.33 -0.16 2.77
C SER B 110 8.52 -1.25 3.47
N LEU B 111 9.14 -2.06 4.33
CA LEU B 111 8.37 -3.04 5.08
C LEU B 111 7.30 -2.35 5.92
N ASN B 112 7.66 -1.24 6.56
CA ASN B 112 6.67 -0.51 7.34
CA ASN B 112 6.70 -0.45 7.33
C ASN B 112 5.61 0.11 6.43
N MET B 113 6.01 0.67 5.29
CA MET B 113 5.05 1.28 4.38
C MET B 113 4.06 0.24 3.85
N VAL B 114 4.53 -0.94 3.51
CA VAL B 114 3.64 -1.99 3.01
C VAL B 114 2.62 -2.36 4.07
N LYS B 115 3.04 -2.43 5.33
CA LYS B 115 2.11 -2.74 6.41
C LYS B 115 1.03 -1.67 6.52
N VAL B 116 1.43 -0.40 6.54
CA VAL B 116 0.46 0.69 6.67
C VAL B 116 -0.50 0.69 5.48
N LEU B 117 0.05 0.60 4.26
CA LEU B 117 -0.80 0.65 3.08
C LEU B 117 -1.75 -0.53 3.04
N GLY B 118 -1.27 -1.72 3.38
CA GLY B 118 -2.14 -2.88 3.42
C GLY B 118 -3.26 -2.72 4.44
N ASP B 119 -2.93 -2.16 5.60
CA ASP B 119 -3.94 -1.94 6.63
C ASP B 119 -5.00 -0.95 6.17
N LEU B 120 -4.56 0.17 5.57
CA LEU B 120 -5.52 1.16 5.10
C LEU B 120 -6.34 0.62 3.93
N LEU B 121 -5.72 -0.15 3.03
CA LEU B 121 -6.47 -0.77 1.95
C LEU B 121 -7.55 -1.68 2.50
N LYS B 122 -7.18 -2.57 3.43
CA LYS B 122 -8.17 -3.47 4.01
C LYS B 122 -9.30 -2.69 4.65
N ASN B 123 -8.97 -1.64 5.40
CA ASN B 123 -9.98 -0.82 6.04
C ASN B 123 -10.92 -0.25 4.99
N SER B 124 -10.35 0.27 3.90
CA SER B 124 -11.15 0.91 2.88
C SER B 124 -12.10 -0.08 2.20
N LEU B 125 -11.66 -1.32 2.01
CA LEU B 125 -12.53 -2.32 1.40
C LEU B 125 -13.70 -2.66 2.33
N THR B 126 -13.46 -2.74 3.66
N THR B 126 -13.47 -2.70 3.64
CA THR B 126 -14.55 -2.92 4.61
CA THR B 126 -14.57 -2.96 4.54
C THR B 126 -15.53 -1.77 4.51
C THR B 126 -15.51 -1.77 4.66
N ILE B 127 -15.02 -0.54 4.40
CA ILE B 127 -15.89 0.62 4.30
C ILE B 127 -16.79 0.49 3.08
N ILE B 128 -16.22 0.10 1.93
CA ILE B 128 -17.03 -0.10 0.73
C ILE B 128 -18.14 -1.12 0.98
N ASN B 129 -17.80 -2.27 1.57
CA ASN B 129 -18.81 -3.27 1.86
C ASN B 129 -19.90 -2.69 2.75
N GLY B 130 -19.54 -1.90 3.74
CA GLY B 130 -20.55 -1.33 4.62
C GLY B 130 -21.49 -0.39 3.91
N LEU B 131 -20.97 0.38 2.95
CA LEU B 131 -21.83 1.26 2.16
C LEU B 131 -22.73 0.45 1.25
N VAL B 132 -22.20 -0.58 0.60
CA VAL B 132 -23.02 -1.43 -0.26
C VAL B 132 -24.13 -2.09 0.54
N PHE B 133 -23.80 -2.59 1.73
CA PHE B 133 -24.81 -3.25 2.56
C PHE B 133 -26.00 -2.33 2.80
N LEU B 134 -25.74 -1.09 3.18
CA LEU B 134 -26.86 -0.22 3.52
C LEU B 134 -27.62 0.23 2.28
N GLU B 135 -26.94 0.37 1.15
CA GLU B 135 -27.61 0.70 -0.10
C GLU B 135 -28.53 -0.44 -0.50
N HIS B 136 -28.01 -1.67 -0.40
CA HIS B 136 -28.73 -2.84 -0.87
C HIS B 136 -29.92 -3.19 0.03
N HIS B 137 -29.85 -2.81 1.31
CA HIS B 137 -30.92 -3.11 2.26
C HIS B 137 -31.89 -1.96 2.44
N HIS B 138 -31.76 -0.89 1.66
CA HIS B 138 -32.68 0.24 1.78
C HIS B 138 -33.97 -0.02 1.00
#